data_3D5X
#
_entry.id   3D5X
#
_cell.length_a   135.542
_cell.length_b   135.542
_cell.length_c   135.542
_cell.angle_alpha   90.00
_cell.angle_beta   90.00
_cell.angle_gamma   90.00
#
_symmetry.space_group_name_H-M   'I 2 3'
#
loop_
_entity.id
_entity.type
_entity.pdbx_description
1 polymer 'Polo-like kinase 1'
2 non-polymer '(1S,6BR,9AS,11R,11BR)-9A,11B-DIMETHYL-1-[(METHYLOXY)METHYL]-3,6,9-TRIOXO-1,6,6B,7,8,9,9A,10,11,11B-DECAHYDRO-3H-FURO[4, 3,2-DE]INDENO[4,5-H][2]BENZOPYRAN-11-YL ACETATE'
#
_entity_poly.entity_id   1
_entity_poly.type   'polypeptide(L)'
_entity_poly.pdbx_seq_one_letter_code
;GPLGSDPKSAPLKEIPDVLVDPRTMKRYMRGRFLGKGGFAKCYEITDMDTKEVFAGKVVPKSMLLKPHQKEKMSTEIAIH
KSLDNPHVVGFHGFFEDDDFVYVVLEICRRRSLLELHKRRKAVTEPEARYFMRQTIQGVQYLHNNRVIHRDLKLGNLFLN
DDMDVKIGDFGLATKIEFDGERKKDLCGTPNYIAPEVLCKKGHSFEVDIWSLGCILYTLLVGKPPFETSCLKETYIRIKK
NEYSVPRHINPVASALIRRMLHADPTLRPSVAELLTDEFFTSGYAPMRLPTSCLTVPPRFS
;
_entity_poly.pdbx_strand_id   A
#
loop_
_chem_comp.id
_chem_comp.type
_chem_comp.name
_chem_comp.formula
KWT non-polymer '(1S,6BR,9AS,11R,11BR)-9A,11B-DIMETHYL-1-[(METHYLOXY)METHYL]-3,6,9-TRIOXO-1,6,6B,7,8,9,9A,10,11,11B-DECAHYDRO-3H-FURO[4, 3,2-DE]INDENO[4,5-H][2]BENZOPYRAN-11-YL ACETATE' 'C23 H24 O8'
#
# COMPACT_ATOMS: atom_id res chain seq x y z
N LYS A 13 -22.98 -18.70 4.23
CA LYS A 13 -23.66 -17.74 3.32
C LYS A 13 -23.02 -17.76 1.93
N GLU A 14 -23.83 -18.08 0.93
CA GLU A 14 -23.37 -18.10 -0.46
C GLU A 14 -23.38 -16.68 -1.05
N ILE A 15 -22.29 -16.31 -1.70
CA ILE A 15 -22.19 -15.00 -2.36
C ILE A 15 -23.02 -15.03 -3.65
N PRO A 16 -23.96 -14.06 -3.81
CA PRO A 16 -24.80 -13.96 -5.00
C PRO A 16 -24.01 -13.87 -6.30
N ASP A 17 -24.60 -14.39 -7.38
CA ASP A 17 -24.00 -14.32 -8.70
C ASP A 17 -24.06 -12.91 -9.28
N VAL A 18 -25.15 -12.20 -8.99
CA VAL A 18 -25.32 -10.82 -9.41
C VAL A 18 -25.41 -9.92 -8.18
N LEU A 19 -24.50 -8.96 -8.10
CA LEU A 19 -24.44 -8.02 -6.98
C LEU A 19 -25.12 -6.72 -7.36
N VAL A 20 -26.21 -6.40 -6.66
CA VAL A 20 -27.01 -5.21 -6.93
C VAL A 20 -27.02 -4.22 -5.75
N ASP A 21 -27.18 -2.94 -6.06
CA ASP A 21 -27.22 -1.89 -5.04
C ASP A 21 -28.42 -0.97 -5.20
N PRO A 22 -29.02 -0.53 -4.07
CA PRO A 22 -30.18 0.37 -4.10
C PRO A 22 -29.88 1.76 -4.66
N ARG A 23 -28.68 2.26 -4.41
CA ARG A 23 -28.30 3.62 -4.81
C ARG A 23 -28.18 3.78 -6.33
N THR A 24 -27.07 3.29 -6.90
CA THR A 24 -26.80 3.42 -8.34
C THR A 24 -27.75 2.58 -9.18
N MET A 25 -28.24 1.49 -8.58
CA MET A 25 -29.06 0.47 -9.25
C MET A 25 -28.38 -0.14 -10.48
N LYS A 26 -27.08 -0.36 -10.36
CA LYS A 26 -26.30 -1.06 -11.36
C LYS A 26 -26.14 -2.52 -10.96
N ARG A 27 -26.01 -3.39 -11.97
CA ARG A 27 -25.87 -4.82 -11.74
C ARG A 27 -24.43 -5.26 -11.99
N TYR A 28 -23.80 -5.83 -10.97
CA TYR A 28 -22.43 -6.33 -11.08
C TYR A 28 -22.39 -7.85 -11.07
N MET A 29 -21.87 -8.43 -12.14
CA MET A 29 -21.76 -9.88 -12.26
C MET A 29 -20.50 -10.38 -11.57
N ARG A 30 -20.69 -11.22 -10.55
CA ARG A 30 -19.57 -11.80 -9.80
C ARG A 30 -18.87 -12.85 -10.66
N GLY A 31 -17.57 -12.67 -10.85
CA GLY A 31 -16.80 -13.53 -11.75
C GLY A 31 -15.58 -14.19 -11.14
N ARG A 32 -14.47 -14.11 -11.86
CA ARG A 32 -13.22 -14.81 -11.50
C ARG A 32 -12.72 -14.42 -10.11
N PHE A 33 -12.41 -15.44 -9.31
CA PHE A 33 -11.83 -15.26 -7.99
C PHE A 33 -10.42 -14.67 -8.12
N LEU A 34 -10.19 -13.55 -7.43
CA LEU A 34 -8.92 -12.82 -7.53
C LEU A 34 -7.99 -13.06 -6.34
N GLY A 35 -8.58 -13.42 -5.20
CA GLY A 35 -7.81 -13.65 -3.97
C GLY A 35 -8.54 -13.16 -2.74
N LYS A 36 -7.94 -13.42 -1.57
CA LYS A 36 -8.52 -13.02 -0.29
C LYS A 36 -7.48 -12.43 0.67
N GLY A 37 -7.97 -11.87 1.79
CA GLY A 37 -7.10 -11.28 2.81
C GLY A 37 -7.89 -10.87 4.03
N GLY A 38 -7.61 -11.53 5.15
CA GLY A 38 -8.34 -11.30 6.39
C GLY A 38 -9.78 -11.77 6.29
N PHE A 39 -9.96 -12.95 5.69
CA PHE A 39 -11.28 -13.56 5.47
C PHE A 39 -12.21 -12.75 4.56
N ALA A 40 -11.69 -11.68 3.97
CA ALA A 40 -12.44 -10.88 2.99
C ALA A 40 -12.06 -11.31 1.58
N LYS A 41 -13.02 -11.90 0.87
CA LYS A 41 -12.79 -12.42 -0.47
C LYS A 41 -12.98 -11.35 -1.54
N CYS A 42 -12.22 -11.46 -2.62
CA CYS A 42 -12.30 -10.50 -3.72
C CYS A 42 -12.51 -11.17 -5.07
N TYR A 43 -13.39 -10.59 -5.87
CA TYR A 43 -13.78 -11.16 -7.16
C TYR A 43 -13.75 -10.14 -8.29
N GLU A 44 -13.45 -10.61 -9.50
CA GLU A 44 -13.53 -9.81 -10.70
C GLU A 44 -15.00 -9.60 -11.06
N ILE A 45 -15.49 -8.38 -10.89
CA ILE A 45 -16.91 -8.08 -11.18
C ILE A 45 -17.09 -7.23 -12.43
N THR A 46 -18.12 -7.55 -13.20
CA THR A 46 -18.42 -6.85 -14.45
C THR A 46 -19.78 -6.17 -14.37
N ASP A 47 -19.81 -4.87 -14.68
CA ASP A 47 -21.05 -4.13 -14.80
C ASP A 47 -21.86 -4.69 -15.96
N MET A 48 -23.00 -5.29 -15.64
CA MET A 48 -23.81 -6.01 -16.63
C MET A 48 -24.42 -5.13 -17.73
N ASP A 49 -24.24 -3.82 -17.59
CA ASP A 49 -24.78 -2.85 -18.55
C ASP A 49 -23.68 -2.22 -19.40
N THR A 50 -22.68 -1.63 -18.74
CA THR A 50 -21.58 -0.94 -19.44
C THR A 50 -20.44 -1.88 -19.82
N LYS A 51 -20.38 -3.03 -19.16
CA LYS A 51 -19.38 -4.06 -19.41
C LYS A 51 -17.97 -3.71 -18.95
N GLU A 52 -17.85 -2.88 -17.92
CA GLU A 52 -16.52 -2.60 -17.37
C GLU A 52 -16.22 -3.35 -16.08
N VAL A 53 -14.98 -3.81 -16.02
CA VAL A 53 -14.49 -4.73 -15.00
C VAL A 53 -13.97 -3.96 -13.80
N PHE A 54 -14.34 -4.43 -12.61
CA PHE A 54 -13.88 -3.88 -11.35
C PHE A 54 -13.49 -4.99 -10.42
N ALA A 55 -12.78 -4.64 -9.35
CA ALA A 55 -12.45 -5.59 -8.31
C ALA A 55 -13.46 -5.48 -7.19
N GLY A 56 -14.34 -6.47 -7.09
CA GLY A 56 -15.39 -6.49 -6.07
C GLY A 56 -14.92 -7.11 -4.76
N LYS A 57 -14.74 -6.26 -3.76
CA LYS A 57 -14.37 -6.73 -2.43
C LYS A 57 -15.64 -7.12 -1.66
N VAL A 58 -15.74 -8.40 -1.32
CA VAL A 58 -16.89 -8.93 -0.61
C VAL A 58 -16.50 -9.31 0.81
N VAL A 59 -17.12 -8.66 1.79
CA VAL A 59 -16.84 -8.94 3.20
C VAL A 59 -18.15 -9.28 3.94
N PRO A 60 -18.19 -10.46 4.58
CA PRO A 60 -19.40 -10.96 5.25
C PRO A 60 -19.76 -10.18 6.51
N LYS A 61 -21.06 -10.02 6.75
CA LYS A 61 -21.57 -9.36 7.95
C LYS A 61 -21.30 -10.17 9.23
N SER A 62 -21.07 -11.46 9.07
CA SER A 62 -20.70 -12.33 10.19
C SER A 62 -19.32 -12.00 10.74
N MET A 63 -18.51 -11.31 9.94
CA MET A 63 -17.21 -10.81 10.38
C MET A 63 -17.34 -9.45 11.06
N LEU A 64 -18.38 -8.70 10.70
CA LEU A 64 -18.66 -7.40 11.31
C LEU A 64 -19.87 -7.45 12.23
N LEU A 65 -19.81 -8.31 13.24
CA LEU A 65 -20.89 -8.41 14.23
C LEU A 65 -20.78 -7.32 15.28
N LYS A 66 -19.56 -7.10 15.78
CA LYS A 66 -19.28 -6.10 16.80
C LYS A 66 -19.27 -4.69 16.21
N PRO A 67 -19.94 -3.73 16.89
CA PRO A 67 -19.97 -2.32 16.48
C PRO A 67 -18.58 -1.67 16.40
N HIS A 68 -17.60 -2.26 17.10
CA HIS A 68 -16.21 -1.85 17.01
C HIS A 68 -15.62 -2.14 15.63
N GLN A 69 -15.96 -3.30 15.07
CA GLN A 69 -15.49 -3.72 13.75
C GLN A 69 -16.22 -2.99 12.63
N LYS A 70 -17.46 -2.58 12.92
CA LYS A 70 -18.30 -1.84 11.96
C LYS A 70 -17.76 -0.43 11.72
N GLU A 71 -17.20 0.18 12.76
CA GLU A 71 -16.69 1.54 12.72
C GLU A 71 -15.57 1.69 11.71
CA LYS A 72 -12.75 0.15 11.50
C LYS A 72 -12.96 0.27 9.99
N MET A 73 -14.06 -0.30 9.51
CA MET A 73 -14.35 -0.33 8.08
C MET A 73 -15.01 0.94 7.57
N SER A 74 -15.85 1.56 8.40
CA SER A 74 -16.55 2.81 8.03
C SER A 74 -15.58 3.98 7.84
N THR A 75 -14.53 4.01 8.64
CA THR A 75 -13.46 5.02 8.50
C THR A 75 -12.61 4.73 7.27
N GLU A 76 -12.31 3.45 7.05
CA GLU A 76 -11.56 2.99 5.87
C GLU A 76 -12.27 3.38 4.58
N ILE A 77 -13.58 3.14 4.52
CA ILE A 77 -14.40 3.48 3.36
C ILE A 77 -14.48 5.00 3.16
N ALA A 78 -14.64 5.72 4.26
CA ALA A 78 -14.73 7.19 4.24
C ALA A 78 -13.46 7.83 3.69
N ILE A 79 -12.31 7.37 4.16
CA ILE A 79 -11.00 7.87 3.72
C ILE A 79 -10.76 7.57 2.25
N HIS A 80 -11.04 6.33 1.84
CA HIS A 80 -10.83 5.88 0.47
C HIS A 80 -11.77 6.58 -0.51
N LYS A 81 -13.00 6.86 -0.05
CA LYS A 81 -14.00 7.55 -0.87
C LYS A 81 -13.50 8.93 -1.32
N SER A 82 -12.75 9.61 -0.46
CA SER A 82 -12.23 10.96 -0.72
C SER A 82 -11.12 10.98 -1.76
N LEU A 83 -10.48 9.84 -1.96
CA LEU A 83 -9.26 9.75 -2.76
C LEU A 83 -9.51 9.60 -4.26
N ASP A 84 -8.72 10.33 -5.04
CA ASP A 84 -8.70 10.22 -6.49
C ASP A 84 -7.32 10.61 -7.00
N ASN A 85 -6.56 9.62 -7.42
CA ASN A 85 -5.16 9.79 -7.84
C ASN A 85 -4.70 8.59 -8.65
N PRO A 86 -3.99 8.83 -9.78
CA PRO A 86 -3.51 7.74 -10.65
C PRO A 86 -2.59 6.72 -9.98
N HIS A 87 -2.14 7.00 -8.75
CA HIS A 87 -1.29 6.07 -8.00
C HIS A 87 -1.94 5.55 -6.73
N VAL A 88 -3.24 5.77 -6.60
CA VAL A 88 -4.03 5.22 -5.51
C VAL A 88 -5.15 4.40 -6.14
N VAL A 89 -5.43 3.24 -5.56
CA VAL A 89 -6.49 2.36 -6.06
C VAL A 89 -7.81 3.13 -6.08
N GLY A 90 -8.39 3.24 -7.28
CA GLY A 90 -9.64 3.95 -7.48
C GLY A 90 -10.80 3.35 -6.71
N PHE A 91 -11.46 4.18 -5.90
CA PHE A 91 -12.68 3.80 -5.20
C PHE A 91 -13.86 4.18 -6.09
N HIS A 92 -14.72 3.21 -6.38
CA HIS A 92 -15.84 3.43 -7.29
C HIS A 92 -17.21 3.14 -6.67
N GLY A 93 -17.27 3.13 -5.33
CA GLY A 93 -18.55 2.97 -4.63
C GLY A 93 -18.64 1.71 -3.78
N PHE A 94 -19.50 1.78 -2.76
CA PHE A 94 -19.76 0.65 -1.89
C PHE A 94 -21.25 0.51 -1.61
N PHE A 95 -21.66 -0.69 -1.18
CA PHE A 95 -23.06 -0.95 -0.80
C PHE A 95 -23.23 -2.16 0.11
N GLU A 96 -24.18 -2.03 1.04
CA GLU A 96 -24.54 -3.11 1.96
C GLU A 96 -25.56 -4.05 1.34
N ASP A 97 -25.80 -5.16 2.02
CA ASP A 97 -26.72 -6.21 1.58
C ASP A 97 -27.14 -7.04 2.79
N ASP A 98 -28.14 -7.91 2.60
CA ASP A 98 -28.62 -8.80 3.66
C ASP A 98 -27.49 -9.47 4.45
N ASP A 99 -26.46 -9.90 3.74
CA ASP A 99 -25.38 -10.70 4.33
C ASP A 99 -23.97 -10.16 4.12
N PHE A 100 -23.77 -9.33 3.10
CA PHE A 100 -22.44 -8.86 2.75
C PHE A 100 -22.32 -7.35 2.58
N VAL A 101 -21.09 -6.85 2.73
CA VAL A 101 -20.75 -5.47 2.37
C VAL A 101 -19.84 -5.50 1.14
N TYR A 102 -20.26 -4.84 0.07
CA TYR A 102 -19.55 -4.88 -1.20
C TYR A 102 -18.82 -3.57 -1.49
N VAL A 103 -17.52 -3.64 -1.72
CA VAL A 103 -16.73 -2.47 -2.09
C VAL A 103 -16.22 -2.64 -3.53
N VAL A 104 -16.55 -1.66 -4.38
CA VAL A 104 -16.13 -1.67 -5.77
C VAL A 104 -14.84 -0.85 -5.93
N LEU A 105 -13.79 -1.51 -6.43
CA LEU A 105 -12.48 -0.88 -6.58
C LEU A 105 -11.90 -1.03 -7.99
N GLU A 106 -10.92 -0.19 -8.32
CA GLU A 106 -10.14 -0.31 -9.56
C GLU A 106 -9.45 -1.66 -9.58
N ILE A 107 -9.46 -2.34 -10.72
CA ILE A 107 -8.90 -3.69 -10.80
C ILE A 107 -7.40 -3.70 -11.13
N CYS A 108 -6.63 -4.43 -10.32
CA CYS A 108 -5.20 -4.60 -10.56
C CYS A 108 -4.89 -6.07 -10.80
N ARG A 109 -4.78 -6.43 -12.08
CA ARG A 109 -4.66 -7.83 -12.50
C ARG A 109 -3.28 -8.45 -12.28
N ARG A 110 -2.30 -7.63 -11.90
CA ARG A 110 -0.92 -8.08 -11.81
C ARG A 110 -0.38 -8.19 -10.39
N ARG A 111 -1.25 -8.57 -9.45
CA ARG A 111 -0.89 -8.77 -8.04
C ARG A 111 -0.19 -7.53 -7.47
N SER A 112 0.69 -7.72 -6.50
CA SER A 112 1.40 -6.60 -5.86
C SER A 112 2.90 -6.71 -6.05
N LEU A 113 3.63 -5.75 -5.50
CA LEU A 113 5.09 -5.75 -5.50
C LEU A 113 5.68 -6.87 -4.62
N LEU A 114 4.84 -7.49 -3.80
CA LEU A 114 5.27 -8.60 -2.96
C LEU A 114 5.47 -9.87 -3.80
N GLU A 115 4.56 -10.11 -4.74
CA GLU A 115 4.66 -11.25 -5.65
C GLU A 115 5.81 -11.08 -6.62
N LEU A 116 6.07 -9.82 -7.01
CA LEU A 116 7.22 -9.50 -7.85
C LEU A 116 8.51 -9.75 -7.08
N HIS A 117 8.56 -9.25 -5.84
CA HIS A 117 9.74 -9.40 -5.00
C HIS A 117 10.09 -10.85 -4.69
N LYS A 118 9.09 -11.66 -4.33
CA LYS A 118 9.30 -13.09 -4.04
C LYS A 118 9.83 -13.87 -5.25
N ARG A 119 9.50 -13.38 -6.45
CA ARG A 119 9.90 -14.02 -7.69
C ARG A 119 11.24 -13.49 -8.19
N ARG A 120 11.51 -12.22 -7.93
CA ARG A 120 12.68 -11.54 -8.48
C ARG A 120 13.84 -11.41 -7.52
N LYS A 121 13.54 -11.35 -6.22
CA LYS A 121 14.50 -10.94 -5.20
C LYS A 121 14.99 -9.52 -5.50
N ALA A 122 16.28 -9.26 -5.29
CA ALA A 122 16.85 -7.94 -5.56
C ALA A 122 16.61 -7.53 -7.01
N VAL A 123 15.89 -6.43 -7.20
CA VAL A 123 15.62 -5.90 -8.54
C VAL A 123 16.75 -4.96 -8.97
N THR A 124 16.76 -4.60 -10.25
CA THR A 124 17.75 -3.64 -10.75
C THR A 124 17.45 -2.23 -10.21
N GLU A 125 18.50 -1.42 -10.12
CA GLU A 125 18.38 -0.05 -9.62
C GLU A 125 17.34 0.80 -10.37
N PRO A 126 17.36 0.77 -11.72
CA PRO A 126 16.33 1.50 -12.47
C PRO A 126 14.88 1.09 -12.15
N GLU A 127 14.68 -0.19 -11.83
CA GLU A 127 13.35 -0.67 -11.44
C GLU A 127 12.92 -0.09 -10.10
N ALA A 128 13.85 -0.04 -9.15
CA ALA A 128 13.60 0.55 -7.84
C ALA A 128 13.20 2.02 -8.00
N ARG A 129 13.94 2.74 -8.84
CA ARG A 129 13.61 4.13 -9.17
C ARG A 129 12.17 4.28 -9.67
N TYR A 130 11.80 3.48 -10.67
CA TYR A 130 10.45 3.51 -11.25
C TYR A 130 9.36 3.23 -10.22
N PHE A 131 9.52 2.15 -9.46
CA PHE A 131 8.50 1.73 -8.50
C PHE A 131 8.38 2.70 -7.32
N MET A 132 9.52 3.17 -6.82
CA MET A 132 9.54 4.10 -5.70
C MET A 132 8.95 5.47 -6.06
N ARG A 133 9.30 5.97 -7.25
CA ARG A 133 8.82 7.26 -7.70
C ARG A 133 7.29 7.31 -7.75
N GLN A 134 6.69 6.29 -8.36
CA GLN A 134 5.24 6.19 -8.47
C GLN A 134 4.58 6.05 -7.12
N THR A 135 5.23 5.32 -6.22
CA THR A 135 4.72 5.10 -4.87
C THR A 135 4.77 6.38 -4.05
N ILE A 136 5.91 7.08 -4.13
CA ILE A 136 6.11 8.34 -3.41
C ILE A 136 5.14 9.42 -3.90
N GLN A 137 4.94 9.49 -5.22
CA GLN A 137 3.94 10.39 -5.81
C GLN A 137 2.55 10.10 -5.23
N GLY A 138 2.25 8.82 -5.03
CA GLY A 138 1.02 8.39 -4.40
C GLY A 138 0.94 8.81 -2.93
N VAL A 139 2.04 8.63 -2.21
CA VAL A 139 2.11 8.97 -0.79
C VAL A 139 2.07 10.49 -0.57
N GLN A 140 2.70 11.23 -1.48
CA GLN A 140 2.67 12.70 -1.45
C GLN A 140 1.23 13.22 -1.51
N TYR A 141 0.45 12.65 -2.43
CA TYR A 141 -0.97 12.99 -2.58
C TYR A 141 -1.74 12.73 -1.29
N LEU A 142 -1.42 11.62 -0.62
CA LEU A 142 -2.06 11.26 0.63
C LEU A 142 -1.70 12.26 1.73
N HIS A 143 -0.42 12.61 1.81
CA HIS A 143 0.07 13.54 2.82
C HIS A 143 -0.39 14.98 2.59
N ASN A 144 -0.52 15.36 1.32
CA ASN A 144 -1.10 16.66 0.96
C ASN A 144 -2.58 16.75 1.33
N ASN A 145 -3.24 15.60 1.37
CA ASN A 145 -4.65 15.51 1.76
C ASN A 145 -4.82 15.10 3.22
N ARG A 146 -3.75 15.26 4.00
CA ARG A 146 -3.75 14.98 5.45
C ARG A 146 -4.08 13.52 5.79
N VAL A 147 -3.71 12.60 4.90
CA VAL A 147 -3.93 11.17 5.10
C VAL A 147 -2.60 10.43 5.29
N ILE A 148 -2.51 9.67 6.38
CA ILE A 148 -1.37 8.79 6.62
C ILE A 148 -1.82 7.35 6.42
N HIS A 149 -1.10 6.61 5.57
CA HIS A 149 -1.43 5.23 5.26
C HIS A 149 -1.18 4.31 6.45
N ARG A 150 0.00 4.44 7.06
CA ARG A 150 0.39 3.68 8.27
C ARG A 150 0.70 2.19 8.07
N ASP A 151 0.38 1.64 6.90
CA ASP A 151 0.63 0.24 6.61
C ASP A 151 1.22 0.00 5.20
N LEU A 152 2.14 0.88 4.80
CA LEU A 152 2.79 0.77 3.49
C LEU A 152 3.76 -0.41 3.43
N LYS A 153 3.50 -1.30 2.48
CA LYS A 153 4.30 -2.51 2.29
C LYS A 153 4.20 -3.00 0.86
N LEU A 154 5.09 -3.91 0.48
CA LEU A 154 5.12 -4.47 -0.87
C LEU A 154 3.77 -5.08 -1.28
N GLY A 155 3.11 -5.72 -0.31
CA GLY A 155 1.81 -6.33 -0.54
C GLY A 155 0.68 -5.35 -0.78
N ASN A 156 0.91 -4.08 -0.43
CA ASN A 156 -0.08 -3.01 -0.63
C ASN A 156 0.13 -2.19 -1.89
N LEU A 157 1.29 -2.35 -2.53
CA LEU A 157 1.59 -1.65 -3.77
C LEU A 157 1.18 -2.50 -4.96
N PHE A 158 -0.09 -2.41 -5.32
CA PHE A 158 -0.67 -3.24 -6.37
C PHE A 158 -0.26 -2.79 -7.76
N LEU A 159 -0.31 -3.73 -8.71
CA LEU A 159 0.09 -3.46 -10.09
C LEU A 159 -1.02 -3.80 -11.07
N ASN A 160 -1.23 -2.90 -12.03
CA ASN A 160 -2.17 -3.15 -13.12
C ASN A 160 -1.45 -3.65 -14.37
N ASP A 161 -2.20 -3.89 -15.44
CA ASP A 161 -1.66 -4.44 -16.69
C ASP A 161 -0.52 -3.62 -17.28
N ASP A 162 -0.58 -2.30 -17.07
CA ASP A 162 0.44 -1.38 -17.58
C ASP A 162 1.65 -1.27 -16.63
N MET A 163 1.62 -2.05 -15.55
CA MET A 163 2.67 -2.08 -14.53
C MET A 163 2.76 -0.80 -13.70
N ASP A 164 1.64 -0.09 -13.59
CA ASP A 164 1.54 1.11 -12.74
C ASP A 164 1.29 0.71 -11.30
N VAL A 165 1.93 1.40 -10.38
CA VAL A 165 1.73 1.18 -8.95
C VAL A 165 0.43 1.84 -8.50
N LYS A 166 -0.37 1.09 -7.75
CA LYS A 166 -1.61 1.59 -7.16
C LYS A 166 -1.62 1.21 -5.68
N ILE A 167 -1.56 2.23 -4.82
CA ILE A 167 -1.57 2.01 -3.37
C ILE A 167 -2.99 1.70 -2.91
N GLY A 168 -3.12 0.66 -2.09
CA GLY A 168 -4.41 0.22 -1.57
C GLY A 168 -4.33 -0.17 -0.11
N ASP A 169 -5.42 -0.78 0.38
CA ASP A 169 -5.56 -1.22 1.78
C ASP A 169 -5.42 -0.05 2.75
N PHE A 170 -6.53 0.66 2.98
CA PHE A 170 -6.54 1.79 3.91
C PHE A 170 -7.14 1.40 5.26
N GLY A 171 -7.06 0.11 5.58
CA GLY A 171 -7.63 -0.45 6.81
C GLY A 171 -7.00 0.06 8.09
N LEU A 172 -5.83 0.69 7.96
CA LEU A 172 -5.14 1.31 9.09
C LEU A 172 -4.82 2.78 8.82
N ALA A 173 -5.47 3.36 7.82
CA ALA A 173 -5.26 4.76 7.45
C ALA A 173 -6.00 5.70 8.41
N THR A 174 -5.42 6.87 8.63
CA THR A 174 -6.02 7.90 9.47
C THR A 174 -5.96 9.27 8.83
N LYS A 175 -6.80 10.19 9.31
CA LYS A 175 -6.73 11.59 8.90
C LYS A 175 -6.22 12.47 10.04
N ILE A 176 -5.22 13.29 9.73
CA ILE A 176 -4.76 14.30 10.66
C ILE A 176 -5.75 15.46 10.63
N GLU A 177 -6.42 15.66 11.75
CA GLU A 177 -7.50 16.65 11.85
C GLU A 177 -6.97 18.05 12.12
N PHE A 178 -5.90 18.14 12.92
CA PHE A 178 -5.30 19.44 13.26
C PHE A 178 -3.77 19.46 13.23
N ASP A 179 -3.19 20.66 13.22
CA ASP A 179 -1.74 20.85 13.13
C ASP A 179 -0.98 20.31 14.34
N GLY A 180 0.10 19.59 14.05
CA GLY A 180 0.96 19.02 15.09
C GLY A 180 0.33 17.89 15.87
N GLU A 181 -0.75 17.33 15.34
CA GLU A 181 -1.45 16.21 15.97
C GLU A 181 -0.58 14.95 15.96
N ARG A 182 -0.42 14.36 17.14
CA ARG A 182 0.29 13.10 17.30
C ARG A 182 -0.74 12.01 17.61
N LYS A 183 -0.58 10.85 16.99
CA LYS A 183 -1.51 9.75 17.15
C LYS A 183 -0.93 8.66 18.06
N LYS A 184 -1.79 8.05 18.87
CA LYS A 184 -1.39 7.01 19.82
C LYS A 184 -2.05 5.67 19.53
N ASP A 185 -3.21 5.71 18.88
CA ASP A 185 -3.97 4.50 18.56
C ASP A 185 -3.73 4.08 17.11
N ILE A 193 6.58 -1.23 10.44
CA ILE A 193 6.12 -0.43 11.59
C ILE A 193 7.27 0.43 12.17
N ALA A 194 6.98 1.72 12.33
CA ALA A 194 7.97 2.69 12.80
C ALA A 194 8.19 2.62 14.31
N PRO A 195 9.38 3.06 14.79
CA PRO A 195 9.70 3.08 16.22
C PRO A 195 8.71 3.89 17.07
N GLU A 196 8.15 4.95 16.49
CA GLU A 196 7.18 5.82 17.17
C GLU A 196 5.92 5.07 17.60
N VAL A 197 5.52 4.11 16.78
CA VAL A 197 4.30 3.33 17.03
C VAL A 197 4.56 2.25 18.08
N LEU A 198 5.75 1.65 18.02
CA LEU A 198 6.14 0.59 18.96
C LEU A 198 6.39 1.13 20.37
N CYS A 199 6.91 2.34 20.46
CA CYS A 199 7.18 2.98 21.74
C CYS A 199 5.95 3.72 22.28
N LYS A 200 4.90 3.79 21.48
CA LYS A 200 3.64 4.46 21.82
C LYS A 200 3.81 5.96 22.12
N LYS A 201 4.92 6.52 21.64
CA LYS A 201 5.30 7.90 21.94
C LYS A 201 4.49 8.96 21.16
N GLY A 202 3.88 8.55 20.05
CA GLY A 202 3.12 9.46 19.21
C GLY A 202 3.75 9.61 17.84
N HIS A 203 2.91 9.74 16.81
CA HIS A 203 3.38 9.78 15.43
C HIS A 203 2.46 10.56 14.51
N SER A 204 3.00 10.99 13.37
CA SER A 204 2.21 11.59 12.30
C SER A 204 2.64 11.08 10.91
N PHE A 205 2.94 11.99 9.99
CA PHE A 205 3.23 11.64 8.59
C PHE A 205 4.48 10.79 8.39
N GLU A 206 5.48 10.96 9.25
CA GLU A 206 6.80 10.36 9.03
C GLU A 206 6.89 8.84 9.24
N VAL A 207 5.78 8.20 9.62
CA VAL A 207 5.75 6.73 9.71
C VAL A 207 5.66 6.10 8.31
N ASP A 208 5.06 6.84 7.38
CA ASP A 208 4.96 6.40 5.99
C ASP A 208 6.32 6.45 5.30
N ILE A 209 7.14 7.43 5.67
CA ILE A 209 8.49 7.58 5.13
C ILE A 209 9.36 6.41 5.58
N TRP A 210 9.22 6.03 6.85
CA TRP A 210 9.93 4.88 7.41
C TRP A 210 9.60 3.62 6.61
N SER A 211 8.32 3.35 6.43
CA SER A 211 7.85 2.20 5.65
C SER A 211 8.41 2.21 4.23
N LEU A 212 8.43 3.40 3.62
CA LEU A 212 8.99 3.57 2.27
C LEU A 212 10.47 3.24 2.22
N GLY A 213 11.19 3.55 3.30
CA GLY A 213 12.60 3.20 3.44
C GLY A 213 12.81 1.69 3.48
N CYS A 214 11.92 1.00 4.20
CA CYS A 214 11.93 -0.46 4.28
C CYS A 214 11.71 -1.07 2.90
N ILE A 215 10.74 -0.52 2.16
CA ILE A 215 10.40 -0.97 0.82
C ILE A 215 11.58 -0.80 -0.16
N LEU A 216 12.18 0.39 -0.15
CA LEU A 216 13.33 0.66 -1.03
C LEU A 216 14.51 -0.26 -0.70
N TYR A 217 14.70 -0.52 0.59
CA TYR A 217 15.73 -1.45 1.04
C TYR A 217 15.44 -2.84 0.49
N THR A 218 14.21 -3.32 0.68
CA THR A 218 13.80 -4.66 0.27
C THR A 218 13.92 -4.86 -1.24
N LEU A 219 13.61 -3.83 -2.02
CA LEU A 219 13.68 -3.92 -3.48
C LEU A 219 15.12 -4.07 -3.95
N LEU A 220 16.02 -3.24 -3.39
CA LEU A 220 17.41 -3.21 -3.83
C LEU A 220 18.26 -4.34 -3.27
N VAL A 221 17.93 -4.79 -2.06
CA VAL A 221 18.70 -5.82 -1.37
C VAL A 221 18.17 -7.22 -1.65
N GLY A 222 16.85 -7.38 -1.61
CA GLY A 222 16.22 -8.68 -1.82
C GLY A 222 15.55 -9.23 -0.57
N LYS A 223 15.85 -8.63 0.57
CA LYS A 223 15.22 -9.02 1.85
C LYS A 223 14.90 -7.79 2.70
N PRO A 224 13.83 -7.86 3.53
CA PRO A 224 13.50 -6.77 4.45
C PRO A 224 14.61 -6.50 5.46
N PRO A 225 14.80 -5.23 5.85
CA PRO A 225 15.93 -4.81 6.70
C PRO A 225 15.88 -5.29 8.15
N PHE A 226 14.70 -5.66 8.65
CA PHE A 226 14.55 -6.06 10.04
C PHE A 226 13.97 -7.47 10.21
N GLU A 227 13.86 -8.20 9.10
CA GLU A 227 13.20 -9.52 9.11
C GLU A 227 14.01 -10.57 9.85
N THR A 228 13.31 -11.30 10.73
CA THR A 228 13.85 -12.45 11.45
C THR A 228 12.72 -13.46 11.59
N SER A 229 13.07 -14.71 11.91
CA SER A 229 12.09 -15.76 12.13
C SER A 229 11.21 -15.50 13.36
N CYS A 230 11.73 -14.72 14.31
CA CYS A 230 11.00 -14.36 15.53
C CYS A 230 10.44 -12.94 15.44
N LEU A 231 9.19 -12.79 15.87
CA LEU A 231 8.49 -11.50 15.80
C LEU A 231 8.99 -10.54 16.88
N LYS A 232 9.35 -11.09 18.04
CA LYS A 232 9.86 -10.29 19.15
C LYS A 232 11.24 -9.70 18.83
N GLU A 233 12.08 -10.48 18.15
CA GLU A 233 13.43 -10.04 17.74
C GLU A 233 13.36 -8.95 16.68
N THR A 234 12.36 -9.01 15.82
CA THR A 234 12.12 -8.00 14.79
C THR A 234 11.83 -6.63 15.42
N TYR A 235 10.94 -6.61 16.42
CA TYR A 235 10.57 -5.37 17.11
C TYR A 235 11.73 -4.74 17.89
N ILE A 236 12.59 -5.57 18.47
CA ILE A 236 13.76 -5.09 19.20
C ILE A 236 14.72 -4.37 18.27
N ARG A 237 14.96 -4.94 17.09
CA ARG A 237 15.85 -4.34 16.08
C ARG A 237 15.34 -2.99 15.58
N ILE A 238 14.01 -2.86 15.45
CA ILE A 238 13.38 -1.60 15.06
C ILE A 238 13.59 -0.54 16.14
N LYS A 239 13.31 -0.92 17.40
CA LYS A 239 13.50 -0.03 18.55
C LYS A 239 14.93 0.51 18.65
N LYS A 240 15.90 -0.38 18.47
CA LYS A 240 17.31 -0.01 18.58
C LYS A 240 17.94 0.43 17.25
N ASN A 241 17.11 0.50 16.20
CA ASN A 241 17.54 0.88 14.84
C ASN A 241 18.65 -0.02 14.29
N GLU A 242 18.51 -1.33 14.53
CA GLU A 242 19.52 -2.31 14.13
C GLU A 242 19.26 -2.90 12.75
N TYR A 243 19.93 -2.35 11.75
CA TYR A 243 19.88 -2.84 10.39
C TYR A 243 21.23 -2.59 9.75
N SER A 244 21.53 -3.32 8.68
CA SER A 244 22.76 -3.10 7.95
C SER A 244 22.55 -3.12 6.44
N VAL A 245 22.70 -1.94 5.83
CA VAL A 245 22.68 -1.83 4.38
C VAL A 245 24.00 -2.41 3.86
N PRO A 246 23.93 -3.49 3.06
CA PRO A 246 25.12 -4.19 2.58
C PRO A 246 26.05 -3.27 1.79
N ARG A 247 27.33 -3.65 1.73
CA ARG A 247 28.35 -2.86 1.03
C ARG A 247 28.14 -2.84 -0.48
N HIS A 248 27.35 -3.78 -0.99
CA HIS A 248 27.11 -3.92 -2.43
C HIS A 248 26.16 -2.85 -2.99
N ILE A 249 25.38 -2.25 -2.10
CA ILE A 249 24.42 -1.20 -2.48
C ILE A 249 25.16 0.10 -2.81
N ASN A 250 24.75 0.73 -3.91
CA ASN A 250 25.23 2.05 -4.32
C ASN A 250 25.15 3.05 -3.18
N PRO A 251 26.28 3.67 -2.81
CA PRO A 251 26.35 4.67 -1.72
C PRO A 251 25.22 5.71 -1.75
N VAL A 252 24.87 6.18 -2.95
CA VAL A 252 23.79 7.17 -3.13
C VAL A 252 22.44 6.63 -2.64
N ALA A 253 22.16 5.37 -2.95
CA ALA A 253 20.94 4.70 -2.48
C ALA A 253 21.04 4.36 -1.01
N SER A 254 22.25 4.01 -0.58
CA SER A 254 22.53 3.68 0.82
C SER A 254 22.30 4.89 1.72
N ALA A 255 22.72 6.06 1.25
CA ALA A 255 22.55 7.32 1.98
C ALA A 255 21.07 7.65 2.17
N LEU A 256 20.28 7.44 1.11
CA LEU A 256 18.84 7.73 1.15
C LEU A 256 18.11 6.81 2.11
N ILE A 257 18.44 5.52 2.09
CA ILE A 257 17.82 4.54 2.97
C ILE A 257 18.04 4.89 4.45
N ARG A 258 19.29 5.23 4.79
CA ARG A 258 19.64 5.59 6.17
C ARG A 258 18.91 6.82 6.69
N ARG A 259 18.63 7.77 5.80
CA ARG A 259 17.88 8.97 6.15
C ARG A 259 16.40 8.68 6.28
N MET A 260 15.87 7.85 5.38
CA MET A 260 14.47 7.43 5.42
C MET A 260 14.15 6.62 6.67
N LEU A 261 15.12 5.81 7.10
CA LEU A 261 14.97 4.95 8.28
C LEU A 261 15.69 5.53 9.50
N HIS A 262 15.72 6.87 9.59
CA HIS A 262 16.37 7.53 10.71
C HIS A 262 15.60 7.29 12.01
N ALA A 263 16.35 7.10 13.09
CA ALA A 263 15.79 6.88 14.42
C ALA A 263 14.92 8.07 14.86
N ASP A 264 15.36 9.27 14.49
CA ASP A 264 14.61 10.49 14.76
C ASP A 264 13.65 10.80 13.62
N PRO A 265 12.33 10.77 13.90
CA PRO A 265 11.28 11.01 12.92
C PRO A 265 11.38 12.39 12.26
N THR A 266 12.01 13.33 12.97
CA THR A 266 12.17 14.70 12.48
C THR A 266 13.32 14.81 11.45
N LEU A 267 14.30 13.92 11.57
CA LEU A 267 15.45 13.95 10.66
C LEU A 267 15.20 13.16 9.36
N ARG A 268 14.05 12.47 9.29
CA ARG A 268 13.63 11.79 8.08
C ARG A 268 13.18 12.81 7.04
N PRO A 269 13.47 12.54 5.75
CA PRO A 269 13.04 13.46 4.70
C PRO A 269 11.53 13.48 4.55
N SER A 270 10.99 14.63 4.19
CA SER A 270 9.58 14.75 3.87
C SER A 270 9.32 14.10 2.51
N VAL A 271 8.06 13.78 2.23
CA VAL A 271 7.70 13.14 0.97
C VAL A 271 8.09 14.01 -0.25
N ALA A 272 8.07 15.32 -0.07
CA ALA A 272 8.38 16.28 -1.13
C ALA A 272 9.85 16.25 -1.53
N GLU A 273 10.74 16.04 -0.57
CA GLU A 273 12.19 16.02 -0.85
C GLU A 273 12.73 14.64 -1.22
N LEU A 274 11.84 13.64 -1.21
CA LEU A 274 12.16 12.29 -1.68
C LEU A 274 12.38 12.25 -3.19
N LEU A 275 11.44 12.82 -3.95
CA LEU A 275 11.52 12.85 -5.42
C LEU A 275 12.76 13.56 -5.95
N THR A 276 13.22 14.57 -5.23
CA THR A 276 14.32 15.41 -5.68
C THR A 276 15.68 14.94 -5.16
N ASP A 277 15.69 13.75 -4.56
CA ASP A 277 16.93 13.15 -4.05
C ASP A 277 17.83 12.71 -5.20
N GLU A 278 19.14 12.68 -4.94
CA GLU A 278 20.13 12.28 -5.93
C GLU A 278 19.81 10.93 -6.55
N PHE A 279 19.35 9.99 -5.73
CA PHE A 279 19.01 8.63 -6.16
C PHE A 279 18.06 8.60 -7.37
N PHE A 280 17.12 9.52 -7.41
CA PHE A 280 16.14 9.60 -8.49
C PHE A 280 16.63 10.42 -9.69
N THR A 281 17.89 10.88 -9.64
CA THR A 281 18.45 11.72 -10.71
C THR A 281 19.82 11.25 -11.19
N SER A 282 20.47 10.38 -10.42
CA SER A 282 21.84 9.95 -10.68
C SER A 282 21.98 8.95 -11.82
N GLY A 283 20.97 8.09 -11.97
CA GLY A 283 21.01 7.04 -13.00
C GLY A 283 19.76 6.98 -13.85
N TYR A 284 19.67 5.93 -14.66
CA TYR A 284 18.55 5.73 -15.59
C TYR A 284 17.24 5.52 -14.86
N ALA A 285 16.25 6.36 -15.18
CA ALA A 285 14.91 6.23 -14.64
C ALA A 285 13.92 5.94 -15.77
N PRO A 286 13.58 4.66 -15.97
CA PRO A 286 12.61 4.27 -17.00
C PRO A 286 11.21 4.81 -16.71
N MET A 287 10.57 5.34 -17.75
CA MET A 287 9.22 5.90 -17.61
C MET A 287 8.16 4.80 -17.70
N ARG A 288 8.52 3.67 -18.31
CA ARG A 288 7.63 2.52 -18.40
C ARG A 288 8.38 1.23 -18.09
N LEU A 289 7.65 0.22 -17.60
CA LEU A 289 8.20 -1.11 -17.39
C LEU A 289 7.32 -2.18 -18.04
N PRO A 290 7.96 -3.13 -18.76
CA PRO A 290 7.21 -4.23 -19.36
C PRO A 290 6.79 -5.27 -18.31
N THR A 291 5.78 -6.06 -18.63
CA THR A 291 5.25 -7.07 -17.71
C THR A 291 6.26 -8.20 -17.43
N SER A 292 7.34 -8.25 -18.22
CA SER A 292 8.42 -9.21 -18.02
C SER A 292 9.16 -9.03 -16.69
N CYS A 293 9.09 -7.82 -16.14
CA CYS A 293 9.72 -7.49 -14.85
C CYS A 293 9.11 -8.24 -13.66
N LEU A 294 7.98 -8.91 -13.89
CA LEU A 294 7.35 -9.76 -12.87
C LEU A 294 8.16 -11.02 -12.61
N THR A 295 8.89 -11.48 -13.63
CA THR A 295 9.62 -12.75 -13.55
C THR A 295 11.12 -12.60 -13.77
N VAL A 296 11.51 -11.73 -14.71
CA VAL A 296 12.92 -11.58 -15.08
C VAL A 296 13.35 -10.10 -15.15
N PRO A 297 14.65 -9.81 -14.94
CA PRO A 297 15.17 -8.46 -15.12
C PRO A 297 15.06 -7.96 -16.56
N PRO A 298 14.73 -6.66 -16.74
CA PRO A 298 14.55 -6.07 -18.08
C PRO A 298 15.83 -5.97 -18.89
C1 KWT B . -6.40 -8.19 -0.72
O1 KWT B . -6.93 -8.86 0.45
C9 KWT B . -7.51 -7.39 -1.45
C23 KWT B . -5.21 -7.30 -0.33
C2 KWT B . -8.19 -8.32 0.95
O2 KWT B . -9.02 -9.06 1.45
C3 KWT B . -8.43 -6.86 0.85
C4 KWT B . -8.06 -6.42 -0.42
C19 KWT B . -8.94 -5.95 1.78
C5 KWT B . -8.21 -4.95 -0.67
C6 KWT B . -7.84 -4.38 -1.98
O5 KWT B . -8.71 -4.00 0.20
O3 KWT B . -7.99 -3.16 -2.18
C7 KWT B . -7.29 -5.30 -3.02
O6 KWT B . -5.24 -8.16 -3.60
C11 KWT B . -6.56 -7.66 -3.88
C21 KWT B . -5.02 -9.53 -4.09
C8 KWT B . -7.09 -6.77 -2.77
C15 KWT B . -6.87 -4.82 -4.37
C10 KWT B . -8.65 -8.34 -1.83
C12 KWT B . -6.58 -7.06 -5.31
C13 KWT B . -7.40 -5.78 -5.42
C14 KWT B . -8.90 -6.05 -5.31
C18 KWT B . -7.17 -4.95 -6.66
C16 KWT B . -7.25 -3.40 -4.84
C17 KWT B . -7.13 -3.47 -6.36
O4 KWT B . -7.05 -5.41 -7.78
O7 KWT B . -4.81 -9.71 -5.28
C22 KWT B . -5.04 -10.67 -3.12
O8 KWT B . -4.20 -8.07 0.30
C24 KWT B . -3.34 -7.25 1.09
#